data_3OF1
#
_entry.id   3OF1
#
_cell.length_a   146.425
_cell.length_b   45.042
_cell.length_c   39.103
_cell.angle_alpha   90.00
_cell.angle_beta   92.51
_cell.angle_gamma   90.00
#
_symmetry.space_group_name_H-M   'C 1 2 1'
#
loop_
_entity.id
_entity.type
_entity.pdbx_description
1 polymer 'cAMP-dependent protein kinase regulatory subunit'
2 non-polymer "ADENOSINE-3',5'-CYCLIC-MONOPHOSPHATE"
3 water water
#
_entity_poly.entity_id   1
_entity_poly.type   'polypeptide(L)'
_entity_poly.pdbx_seq_one_letter_code
;QLQRLEKSIRNNFLFNKLDSDSKRLVINCLEEKSVPKGATIIKQGDQGDYFYVVEKGTVDFYVNDNKVNSSGPGSSFGEL
ALMYNSPRAATVVATSDCLLWALDRLTFRKILLGSSFKKRLMYDDLLKSMPVLKSLTTYDRAKLADALDTKIYQPGETII
REGDQGENFYLIEYGAVDVSKKGQGVINKLKDHDYFGEVALLNDLPRQATVTATKRTKVATLGKSGFQRLLGPAVDVLKL
NDPTRH
;
_entity_poly.pdbx_strand_id   A
#
loop_
_chem_comp.id
_chem_comp.type
_chem_comp.name
_chem_comp.formula
CMP non-polymer ADENOSINE-3',5'-CYCLIC-MONOPHOSPHATE 'C10 H12 N5 O6 P'
#
# COMPACT_ATOMS: atom_id res chain seq x y z
N GLN A 1 6.96 -16.81 -28.63
CA GLN A 1 8.35 -16.33 -28.91
C GLN A 1 9.05 -15.82 -27.65
N LEU A 2 10.32 -15.44 -27.78
CA LEU A 2 11.08 -14.84 -26.70
C LEU A 2 11.22 -13.31 -26.88
N GLN A 3 10.64 -12.79 -27.96
CA GLN A 3 10.57 -11.34 -28.20
C GLN A 3 9.32 -10.73 -27.56
N ARG A 4 8.22 -11.48 -27.53
CA ARG A 4 6.98 -11.03 -26.88
C ARG A 4 7.23 -10.83 -25.37
N LEU A 5 8.04 -11.74 -24.83
CA LEU A 5 8.42 -11.83 -23.43
C LEU A 5 9.34 -10.71 -23.00
N GLU A 6 10.33 -10.42 -23.84
CA GLU A 6 11.38 -9.46 -23.51
C GLU A 6 10.79 -8.05 -23.59
N LYS A 7 9.71 -7.95 -24.39
CA LYS A 7 8.80 -6.80 -24.48
C LYS A 7 7.81 -6.69 -23.30
N SER A 8 7.14 -7.79 -22.94
CA SER A 8 6.36 -7.86 -21.69
C SER A 8 7.10 -7.14 -20.55
N ILE A 9 8.39 -7.48 -20.42
CA ILE A 9 9.23 -7.15 -19.27
C ILE A 9 9.69 -5.71 -19.35
N ARG A 10 10.03 -5.30 -20.57
CA ARG A 10 10.59 -3.98 -20.81
C ARG A 10 9.55 -2.89 -20.55
N ASN A 11 8.28 -3.28 -20.66
CA ASN A 11 7.14 -2.42 -20.51
C ASN A 11 6.37 -2.58 -19.20
N ASN A 12 6.91 -3.37 -18.30
CA ASN A 12 6.22 -3.57 -17.05
C ASN A 12 7.07 -2.97 -15.96
N PHE A 13 6.47 -2.11 -15.15
CA PHE A 13 7.21 -1.36 -14.11
C PHE A 13 7.87 -2.32 -13.12
N LEU A 14 7.21 -3.43 -12.81
CA LEU A 14 7.73 -4.41 -11.84
C LEU A 14 8.97 -5.11 -12.41
N PHE A 15 8.88 -5.54 -13.65
CA PHE A 15 9.97 -6.28 -14.31
C PHE A 15 11.16 -5.52 -14.93
N ASN A 16 10.93 -4.40 -15.63
CA ASN A 16 12.03 -3.72 -16.31
C ASN A 16 13.07 -3.35 -15.30
N LYS A 17 12.67 -3.50 -14.04
CA LYS A 17 13.36 -2.98 -12.85
C LYS A 17 14.19 -4.04 -12.07
N LEU A 18 13.97 -5.31 -12.40
CA LEU A 18 14.74 -6.40 -11.82
C LEU A 18 16.13 -6.53 -12.51
N ASP A 19 17.11 -7.07 -11.76
CA ASP A 19 18.44 -7.43 -12.31
C ASP A 19 18.29 -8.57 -13.32
N SER A 20 19.15 -8.62 -14.35
CA SER A 20 18.99 -9.68 -15.37
C SER A 20 19.04 -11.12 -14.77
N ASP A 21 19.47 -11.27 -13.51
CA ASP A 21 19.36 -12.58 -12.84
C ASP A 21 17.93 -12.91 -12.45
N SER A 22 17.26 -11.98 -11.76
CA SER A 22 15.82 -12.09 -11.53
C SER A 22 15.12 -12.05 -12.89
N LYS A 23 15.55 -11.13 -13.76
CA LYS A 23 14.98 -10.96 -15.11
C LYS A 23 15.05 -12.19 -16.03
N ARG A 24 16.21 -12.85 -16.04
CA ARG A 24 16.36 -14.16 -16.72
C ARG A 24 15.45 -15.17 -16.02
N LEU A 25 15.62 -15.22 -14.70
CA LEU A 25 14.87 -16.08 -13.78
C LEU A 25 13.36 -15.86 -13.74
N VAL A 26 12.80 -15.10 -14.69
CA VAL A 26 11.35 -14.78 -14.79
C VAL A 26 10.74 -14.98 -16.20
N ILE A 27 11.49 -14.63 -17.24
CA ILE A 27 11.17 -15.02 -18.61
C ILE A 27 11.21 -16.57 -18.77
N ASN A 28 12.13 -17.22 -18.05
CA ASN A 28 12.14 -18.68 -17.96
C ASN A 28 10.78 -19.21 -17.44
N CYS A 29 10.24 -18.56 -16.39
CA CYS A 29 9.03 -19.04 -15.69
C CYS A 29 7.62 -18.61 -16.18
N LEU A 30 7.52 -17.53 -16.95
CA LEU A 30 6.19 -17.07 -17.36
C LEU A 30 5.49 -18.10 -18.27
N GLU A 31 4.31 -18.53 -17.84
CA GLU A 31 3.45 -19.41 -18.62
C GLU A 31 2.36 -18.53 -19.24
N GLU A 32 2.08 -18.71 -20.52
CA GLU A 32 1.00 -17.92 -21.11
C GLU A 32 -0.36 -18.61 -21.08
N LYS A 33 -1.42 -17.83 -20.88
CA LYS A 33 -2.79 -18.35 -20.84
C LYS A 33 -3.78 -17.48 -21.62
N SER A 34 -4.38 -18.02 -22.68
CA SER A 34 -5.44 -17.30 -23.40
C SER A 34 -6.76 -17.36 -22.62
N VAL A 35 -7.62 -16.37 -22.80
CA VAL A 35 -8.92 -16.40 -22.14
C VAL A 35 -10.00 -15.71 -22.97
N PRO A 36 -11.17 -16.36 -23.11
CA PRO A 36 -12.26 -15.80 -23.87
C PRO A 36 -12.91 -14.61 -23.15
N LYS A 37 -13.39 -13.63 -23.94
CA LYS A 37 -14.30 -12.59 -23.42
C LYS A 37 -15.44 -13.27 -22.62
N GLY A 38 -15.54 -12.94 -21.33
CA GLY A 38 -16.61 -13.42 -20.44
C GLY A 38 -16.19 -14.41 -19.36
N ALA A 39 -14.97 -14.94 -19.51
CA ALA A 39 -14.34 -15.77 -18.49
C ALA A 39 -13.83 -14.93 -17.28
N THR A 40 -14.28 -15.34 -16.08
CA THR A 40 -13.67 -14.99 -14.80
C THR A 40 -12.25 -15.55 -14.68
N ILE A 41 -11.24 -14.66 -14.57
CA ILE A 41 -9.82 -15.07 -14.37
C ILE A 41 -9.47 -15.38 -12.91
N ILE A 42 -10.03 -14.58 -11.98
CA ILE A 42 -9.87 -14.79 -10.56
C ILE A 42 -11.16 -14.34 -9.85
N LYS A 43 -11.58 -15.13 -8.86
CA LYS A 43 -12.79 -14.94 -8.06
C LYS A 43 -12.49 -14.34 -6.68
N GLN A 44 -13.26 -13.33 -6.29
CA GLN A 44 -13.15 -12.73 -4.96
C GLN A 44 -13.35 -13.77 -3.85
N GLY A 45 -12.40 -13.88 -2.94
CA GLY A 45 -12.50 -14.85 -1.85
C GLY A 45 -11.57 -16.05 -2.02
N ASP A 46 -11.31 -16.45 -3.27
CA ASP A 46 -10.41 -17.57 -3.58
C ASP A 46 -8.99 -17.42 -3.06
N GLN A 47 -8.34 -18.57 -2.89
CA GLN A 47 -6.92 -18.64 -2.55
C GLN A 47 -6.09 -18.19 -3.74
N GLY A 48 -4.97 -17.52 -3.48
CA GLY A 48 -4.17 -16.95 -4.56
C GLY A 48 -3.13 -17.87 -5.14
N ASP A 49 -3.30 -18.21 -6.41
CA ASP A 49 -2.43 -19.19 -7.09
C ASP A 49 -1.32 -18.53 -7.95
N TYR A 50 -1.70 -17.48 -8.69
CA TYR A 50 -0.85 -16.86 -9.73
C TYR A 50 -0.90 -15.34 -9.79
N PHE A 51 0.13 -14.78 -10.41
CA PHE A 51 0.24 -13.37 -10.73
C PHE A 51 0.14 -13.23 -12.25
N TYR A 52 -0.67 -12.26 -12.73
CA TYR A 52 -0.92 -12.09 -14.18
C TYR A 52 -0.49 -10.70 -14.70
N VAL A 53 0.07 -10.73 -15.90
CA VAL A 53 0.47 -9.55 -16.68
C VAL A 53 -0.19 -9.64 -18.05
N VAL A 54 -0.95 -8.61 -18.43
CA VAL A 54 -1.78 -8.62 -19.64
C VAL A 54 -1.00 -8.21 -20.89
N GLU A 55 -0.82 -9.18 -21.78
CA GLU A 55 -0.20 -8.94 -23.10
C GLU A 55 -1.22 -8.25 -24.00
N LYS A 56 -2.35 -8.93 -24.23
CA LYS A 56 -3.38 -8.42 -25.08
C LYS A 56 -4.71 -8.59 -24.34
N GLY A 57 -5.70 -7.76 -24.65
CA GLY A 57 -7.03 -7.87 -24.05
C GLY A 57 -7.27 -6.79 -22.99
N THR A 58 -8.43 -6.87 -22.32
CA THR A 58 -8.90 -5.92 -21.30
C THR A 58 -9.69 -6.69 -20.17
N VAL A 59 -9.51 -6.28 -18.89
CA VAL A 59 -10.27 -6.87 -17.73
C VAL A 59 -11.18 -5.84 -16.97
N ASP A 60 -12.22 -6.31 -16.26
CA ASP A 60 -13.03 -5.46 -15.35
C ASP A 60 -12.87 -6.05 -13.97
N PHE A 61 -12.89 -5.19 -12.94
CA PHE A 61 -12.63 -5.60 -11.57
C PHE A 61 -13.87 -5.34 -10.74
N TYR A 62 -14.32 -6.35 -10.02
CA TYR A 62 -15.53 -6.23 -9.22
C TYR A 62 -15.18 -6.51 -7.77
N VAL A 63 -15.60 -5.62 -6.88
CA VAL A 63 -15.51 -5.87 -5.46
C VAL A 63 -16.98 -5.98 -5.02
N ASN A 64 -17.29 -7.06 -4.30
CA ASN A 64 -18.68 -7.48 -4.03
C ASN A 64 -19.71 -7.11 -5.10
N ASP A 65 -19.38 -7.46 -6.35
CA ASP A 65 -20.30 -7.35 -7.48
C ASP A 65 -20.75 -5.91 -7.82
N ASN A 66 -19.92 -4.94 -7.43
CA ASN A 66 -20.08 -3.55 -7.85
C ASN A 66 -19.41 -3.20 -9.19
N LYS A 67 -18.09 -3.37 -9.22
CA LYS A 67 -17.23 -2.91 -10.31
C LYS A 67 -16.61 -1.54 -10.09
N VAL A 68 -15.28 -1.59 -10.07
CA VAL A 68 -14.47 -0.61 -9.38
C VAL A 68 -13.24 -0.15 -10.20
N ASN A 69 -12.87 -0.95 -11.18
CA ASN A 69 -11.63 -0.82 -11.92
C ASN A 69 -11.71 -1.53 -13.28
N SER A 70 -10.65 -1.35 -14.06
CA SER A 70 -10.58 -1.56 -15.50
C SER A 70 -9.09 -1.54 -15.92
N SER A 71 -8.63 -2.47 -16.73
CA SER A 71 -7.29 -2.29 -17.26
C SER A 71 -7.15 -2.88 -18.67
N GLY A 72 -6.02 -2.58 -19.34
CA GLY A 72 -5.78 -3.04 -20.71
C GLY A 72 -4.42 -3.74 -20.71
N PRO A 73 -3.79 -3.87 -21.92
CA PRO A 73 -2.42 -4.40 -22.06
C PRO A 73 -1.45 -3.60 -21.25
N GLY A 74 -0.46 -4.29 -20.71
CA GLY A 74 0.55 -3.65 -19.90
C GLY A 74 0.25 -3.76 -18.42
N SER A 75 -1.05 -3.85 -18.09
CA SER A 75 -1.47 -3.88 -16.71
C SER A 75 -1.31 -5.27 -16.10
N SER A 76 -0.97 -5.33 -14.81
CA SER A 76 -0.89 -6.59 -14.06
C SER A 76 -1.86 -6.63 -12.87
N PHE A 77 -2.13 -7.83 -12.35
CA PHE A 77 -3.07 -8.01 -11.24
C PHE A 77 -2.91 -9.40 -10.63
N GLY A 78 -3.61 -9.69 -9.55
CA GLY A 78 -3.36 -10.89 -8.74
C GLY A 78 -2.17 -10.94 -7.75
N GLU A 79 -1.58 -9.78 -7.47
CA GLU A 79 -0.36 -9.71 -6.64
C GLU A 79 -0.60 -9.64 -5.13
N LEU A 80 -1.74 -9.11 -4.72
CA LEU A 80 -2.12 -8.96 -3.29
C LEU A 80 -2.31 -10.27 -2.53
N ALA A 81 -3.01 -11.23 -3.13
CA ALA A 81 -3.21 -12.54 -2.51
C ALA A 81 -1.91 -13.23 -2.21
N LEU A 82 -0.95 -13.12 -3.12
CA LEU A 82 0.32 -13.84 -2.97
C LEU A 82 1.28 -13.20 -1.98
N MET A 83 1.35 -11.88 -1.96
CA MET A 83 2.30 -11.24 -1.07
C MET A 83 1.87 -11.33 0.40
N TYR A 84 0.56 -11.29 0.62
CA TYR A 84 -0.05 -11.23 1.93
C TYR A 84 -0.61 -12.55 2.47
N ASN A 85 -0.72 -13.57 1.62
CA ASN A 85 -1.50 -14.78 1.95
C ASN A 85 -2.96 -14.53 2.40
N SER A 86 -3.65 -13.65 1.71
CA SER A 86 -5.02 -13.40 2.03
C SER A 86 -5.91 -13.90 0.92
N PRO A 87 -7.25 -13.92 1.13
CA PRO A 87 -8.11 -14.23 -0.04
C PRO A 87 -8.03 -13.17 -1.17
N ARG A 88 -8.49 -13.57 -2.35
CA ARG A 88 -8.64 -12.67 -3.49
C ARG A 88 -9.49 -11.47 -3.07
N ALA A 89 -9.00 -10.25 -3.34
CA ALA A 89 -9.71 -9.02 -2.97
C ALA A 89 -10.74 -8.52 -4.01
N ALA A 90 -10.68 -9.04 -5.23
CA ALA A 90 -11.59 -8.61 -6.27
C ALA A 90 -11.74 -9.78 -7.20
N THR A 91 -12.90 -9.83 -7.84
CA THR A 91 -13.13 -10.60 -9.05
C THR A 91 -12.72 -9.84 -10.34
N VAL A 92 -11.94 -10.55 -11.15
CA VAL A 92 -11.41 -10.06 -12.42
C VAL A 92 -12.07 -10.85 -13.61
N VAL A 93 -13.00 -10.16 -14.29
CA VAL A 93 -13.72 -10.71 -15.46
C VAL A 93 -13.02 -10.27 -16.78
N ALA A 94 -12.90 -11.17 -17.76
CA ALA A 94 -12.33 -10.85 -19.09
C ALA A 94 -13.34 -10.04 -19.90
N THR A 95 -12.88 -8.93 -20.46
CA THR A 95 -13.75 -7.93 -21.10
C THR A 95 -13.68 -7.96 -22.65
N SER A 96 -12.62 -8.58 -23.12
CA SER A 96 -12.41 -8.92 -24.48
C SER A 96 -11.44 -10.11 -24.33
N ASP A 97 -11.31 -10.92 -25.36
CA ASP A 97 -10.46 -12.09 -25.22
C ASP A 97 -9.01 -11.58 -24.96
N CYS A 98 -8.25 -12.32 -24.13
CA CYS A 98 -6.94 -11.88 -23.54
C CYS A 98 -5.82 -12.92 -23.68
N LEU A 99 -4.56 -12.46 -23.76
CA LEU A 99 -3.40 -13.30 -23.51
C LEU A 99 -2.65 -12.76 -22.26
N LEU A 100 -2.63 -13.59 -21.22
CA LEU A 100 -1.98 -13.29 -19.94
C LEU A 100 -0.71 -14.10 -19.69
N TRP A 101 0.35 -13.44 -19.23
CA TRP A 101 1.59 -14.08 -18.78
C TRP A 101 1.51 -14.32 -17.27
N ALA A 102 1.68 -15.59 -16.85
CA ALA A 102 1.47 -16.01 -15.47
C ALA A 102 2.71 -16.40 -14.70
N LEU A 103 2.88 -15.74 -13.57
CA LEU A 103 3.86 -16.16 -12.57
C LEU A 103 3.15 -16.83 -11.42
N ASP A 104 3.67 -18.01 -11.13
CA ASP A 104 3.18 -18.92 -10.12
C ASP A 104 3.52 -18.26 -8.82
N ARG A 105 2.80 -18.61 -7.75
CA ARG A 105 3.07 -18.04 -6.43
C ARG A 105 4.54 -18.14 -5.99
N LEU A 106 5.17 -19.29 -6.27
CA LEU A 106 6.56 -19.52 -5.82
C LEU A 106 7.52 -18.52 -6.43
N THR A 107 7.53 -18.37 -7.76
CA THR A 107 8.49 -17.42 -8.38
C THR A 107 8.20 -15.95 -8.01
N PHE A 108 6.92 -15.58 -7.97
CA PHE A 108 6.52 -14.29 -7.44
C PHE A 108 7.22 -13.98 -6.11
N ARG A 109 7.05 -14.86 -5.10
CA ARG A 109 7.75 -14.72 -3.80
C ARG A 109 9.25 -14.71 -3.97
N LYS A 110 9.74 -15.43 -4.98
CA LYS A 110 11.17 -15.48 -5.23
C LYS A 110 11.64 -14.14 -5.76
N ILE A 111 11.27 -13.78 -6.99
CA ILE A 111 11.77 -12.53 -7.61
C ILE A 111 11.03 -11.26 -7.13
N LEU A 112 9.73 -11.19 -7.43
CA LEU A 112 8.98 -9.91 -7.42
C LEU A 112 8.57 -9.25 -6.04
N LEU A 113 8.10 -10.02 -5.06
CA LEU A 113 7.90 -9.47 -3.73
C LEU A 113 9.27 -9.05 -3.14
N GLY A 114 10.30 -9.85 -3.41
CA GLY A 114 11.65 -9.51 -2.93
C GLY A 114 12.11 -8.10 -3.24
N SER A 115 11.48 -7.47 -4.25
CA SER A 115 12.06 -6.33 -5.03
C SER A 115 11.09 -5.28 -5.56
N SER A 116 9.93 -5.67 -6.07
CA SER A 116 9.06 -4.63 -6.66
C SER A 116 8.21 -4.02 -5.57
N PHE A 117 7.69 -4.90 -4.74
CA PHE A 117 6.73 -4.62 -3.69
C PHE A 117 7.41 -4.74 -2.32
N LYS A 118 8.68 -4.34 -2.25
CA LYS A 118 9.48 -4.43 -1.03
C LYS A 118 8.75 -3.77 0.11
N LYS A 119 8.32 -2.53 -0.15
CA LYS A 119 7.59 -1.68 0.83
C LYS A 119 6.37 -2.37 1.40
N ARG A 120 5.64 -3.10 0.56
CA ARG A 120 4.40 -3.68 0.99
C ARG A 120 4.69 -4.72 1.99
N LEU A 121 5.79 -5.44 1.74
CA LEU A 121 6.24 -6.50 2.63
C LEU A 121 6.62 -5.92 3.98
N MET A 122 7.28 -4.77 4.02
CA MET A 122 7.94 -4.30 5.25
C MET A 122 6.92 -3.73 6.24
N TYR A 123 5.92 -3.01 5.70
CA TYR A 123 4.95 -2.27 6.51
C TYR A 123 3.73 -3.11 6.80
N ASP A 124 3.73 -4.33 6.32
CA ASP A 124 2.51 -5.07 6.48
C ASP A 124 2.06 -5.30 7.92
N ASP A 125 3.00 -5.56 8.83
CA ASP A 125 2.62 -5.68 10.23
C ASP A 125 2.08 -4.37 10.84
N LEU A 126 2.78 -3.26 10.65
CA LEU A 126 2.24 -1.96 11.14
C LEU A 126 0.77 -1.77 10.74
N LEU A 127 0.51 -1.82 9.43
CA LEU A 127 -0.73 -1.49 8.82
C LEU A 127 -1.93 -2.40 9.18
N LYS A 128 -1.67 -3.72 9.28
CA LYS A 128 -2.59 -4.72 9.78
C LYS A 128 -2.91 -4.52 11.25
N SER A 129 -1.92 -4.11 12.04
CA SER A 129 -2.09 -3.89 13.52
C SER A 129 -2.65 -2.49 13.94
N MET A 130 -2.46 -1.45 13.15
CA MET A 130 -3.00 -0.15 13.58
C MET A 130 -4.52 -0.11 13.64
N PRO A 131 -5.10 0.13 14.84
CA PRO A 131 -6.55 0.33 15.03
C PRO A 131 -7.31 1.19 14.02
N VAL A 132 -6.83 2.41 13.74
CA VAL A 132 -7.48 3.35 12.87
C VAL A 132 -7.51 2.85 11.45
N LEU A 133 -6.73 1.80 11.16
CA LEU A 133 -6.59 1.26 9.79
C LEU A 133 -7.38 -0.05 9.59
N LYS A 134 -8.09 -0.51 10.62
CA LYS A 134 -8.91 -1.73 10.50
C LYS A 134 -9.91 -1.93 9.33
N SER A 135 -10.58 -0.87 8.88
CA SER A 135 -11.49 -1.01 7.74
C SER A 135 -10.81 -1.18 6.31
N LEU A 136 -9.45 -1.12 6.24
CA LEU A 136 -8.74 -1.09 4.97
C LEU A 136 -8.63 -2.53 4.43
N THR A 137 -8.77 -2.68 3.11
CA THR A 137 -8.75 -3.96 2.50
C THR A 137 -7.30 -4.08 2.16
N THR A 138 -6.89 -5.26 1.68
CA THR A 138 -5.53 -5.50 1.31
C THR A 138 -5.13 -4.60 0.15
N TYR A 139 -6.05 -4.34 -0.77
CA TYR A 139 -5.71 -3.44 -1.88
C TYR A 139 -5.37 -2.06 -1.32
N ASP A 140 -6.11 -1.64 -0.31
CA ASP A 140 -5.89 -0.32 0.28
C ASP A 140 -4.59 -0.32 1.03
N ARG A 141 -4.32 -1.37 1.82
CA ARG A 141 -3.12 -1.39 2.65
C ARG A 141 -1.88 -1.34 1.73
N ALA A 142 -2.03 -1.96 0.56
CA ALA A 142 -0.94 -2.06 -0.42
C ALA A 142 -0.65 -0.74 -1.01
N LYS A 143 -1.68 -0.01 -1.41
CA LYS A 143 -1.42 1.32 -1.98
C LYS A 143 -0.85 2.21 -0.94
N LEU A 144 -1.30 2.06 0.31
CA LEU A 144 -0.82 2.95 1.41
C LEU A 144 0.72 2.74 1.72
N ALA A 145 1.09 1.47 1.83
CA ALA A 145 2.44 1.01 2.00
C ALA A 145 3.43 1.56 0.96
N ASP A 146 3.06 1.59 -0.31
CA ASP A 146 3.89 2.07 -1.40
C ASP A 146 4.25 3.53 -1.14
N ALA A 147 3.38 4.24 -0.41
CA ALA A 147 3.55 5.67 -0.25
C ALA A 147 4.28 6.11 1.02
N LEU A 148 4.63 5.16 1.90
CA LEU A 148 5.19 5.48 3.23
C LEU A 148 6.73 5.53 3.21
N ASP A 149 7.30 6.43 3.99
CA ASP A 149 8.70 6.42 4.21
C ASP A 149 8.84 6.10 5.67
N THR A 150 10.07 5.81 6.07
CA THR A 150 10.39 5.43 7.46
C THR A 150 11.42 6.43 8.01
N LYS A 151 11.15 6.92 9.20
CA LYS A 151 12.12 7.72 9.95
C LYS A 151 12.22 7.22 11.41
N ILE A 152 13.43 7.28 11.99
CA ILE A 152 13.65 6.89 13.37
C ILE A 152 14.10 8.10 14.14
N TYR A 153 13.38 8.37 15.22
CA TYR A 153 13.66 9.49 16.05
C TYR A 153 14.26 8.96 17.37
N GLN A 154 15.16 9.74 17.96
CA GLN A 154 15.79 9.34 19.19
C GLN A 154 15.16 10.11 20.33
N PRO A 155 15.39 9.61 21.55
CA PRO A 155 15.03 10.34 22.76
C PRO A 155 15.31 11.83 22.76
N GLY A 156 14.28 12.63 23.03
CA GLY A 156 14.39 14.12 23.15
C GLY A 156 14.30 14.86 21.80
N GLU A 157 14.31 14.12 20.70
CA GLU A 157 14.06 14.75 19.41
C GLU A 157 12.60 15.20 19.16
N THR A 158 12.46 16.45 18.68
CA THR A 158 11.26 17.04 18.10
C THR A 158 10.87 16.47 16.79
N ILE A 159 9.61 16.03 16.72
CA ILE A 159 9.14 15.43 15.49
C ILE A 159 8.40 16.55 14.77
N ILE A 160 7.43 17.17 15.45
CA ILE A 160 6.77 18.33 14.92
C ILE A 160 6.66 19.42 15.94
N ARG A 161 6.51 20.65 15.46
CA ARG A 161 6.47 21.83 16.28
C ARG A 161 5.15 22.54 16.08
N GLU A 162 4.55 22.92 17.18
CA GLU A 162 3.35 23.70 17.22
C GLU A 162 3.64 24.92 16.37
N GLY A 163 2.67 25.32 15.56
CA GLY A 163 2.74 26.52 14.78
C GLY A 163 3.28 26.35 13.40
N ASP A 164 3.93 25.22 13.13
CA ASP A 164 4.49 24.93 11.80
C ASP A 164 3.42 24.59 10.77
N GLN A 165 3.82 24.68 9.51
CA GLN A 165 3.04 24.15 8.43
C GLN A 165 3.12 22.64 8.53
N GLY A 166 2.02 21.92 8.30
CA GLY A 166 2.13 20.46 8.28
C GLY A 166 2.24 19.86 6.93
N GLU A 167 2.98 18.79 6.76
CA GLU A 167 3.03 18.10 5.49
C GLU A 167 2.86 16.61 5.56
N ASN A 168 3.27 16.03 6.67
CA ASN A 168 3.24 14.58 6.87
C ASN A 168 2.31 14.15 8.01
N PHE A 169 1.79 12.95 7.86
CA PHE A 169 0.96 12.28 8.78
C PHE A 169 1.81 11.08 9.20
N TYR A 170 1.67 10.68 10.46
CA TYR A 170 2.60 9.78 11.15
C TYR A 170 1.90 8.68 11.89
N LEU A 171 2.44 7.48 11.73
CA LEU A 171 1.96 6.22 12.25
C LEU A 171 3.09 5.69 13.10
N ILE A 172 2.83 5.43 14.38
CA ILE A 172 3.97 5.00 15.24
C ILE A 172 4.13 3.49 15.14
N GLU A 173 5.28 3.05 14.72
CA GLU A 173 5.57 1.59 14.65
C GLU A 173 5.88 1.03 16.06
N TYR A 174 6.76 1.71 16.77
CA TYR A 174 7.11 1.47 18.18
C TYR A 174 7.77 2.71 18.67
N GLY A 175 7.76 2.96 19.96
CA GLY A 175 8.40 4.15 20.50
C GLY A 175 7.41 4.77 21.47
N ALA A 176 7.55 6.06 21.78
CA ALA A 176 6.81 6.70 22.72
C ALA A 176 7.01 8.17 22.44
N VAL A 177 5.98 8.99 22.53
CA VAL A 177 6.10 10.42 22.19
C VAL A 177 5.22 11.18 23.14
N ASP A 178 5.59 12.43 23.47
CA ASP A 178 4.79 13.38 24.22
C ASP A 178 4.23 14.47 23.29
N VAL A 179 2.96 14.85 23.51
CA VAL A 179 2.28 15.95 22.81
C VAL A 179 2.22 17.15 23.75
N SER A 180 2.63 18.35 23.32
CA SER A 180 2.68 19.46 24.26
C SER A 180 2.21 20.72 23.61
N LYS A 181 1.92 21.72 24.44
CA LYS A 181 1.31 22.95 23.93
C LYS A 181 1.81 24.10 24.76
N LYS A 182 2.41 25.10 24.13
CA LYS A 182 3.02 26.14 24.92
C LYS A 182 1.99 26.77 25.83
N GLY A 183 2.37 26.94 27.08
CA GLY A 183 1.45 27.37 28.11
C GLY A 183 0.83 26.24 28.91
N GLN A 184 0.98 24.99 28.45
CA GLN A 184 0.18 23.88 28.94
C GLN A 184 0.97 22.64 29.27
N GLY A 185 2.22 22.54 28.77
CA GLY A 185 3.07 21.37 28.93
C GLY A 185 2.51 20.15 28.22
N VAL A 186 2.94 18.97 28.62
CA VAL A 186 2.44 17.69 28.09
C VAL A 186 0.96 17.43 28.35
N ILE A 187 0.18 17.41 27.26
CA ILE A 187 -1.28 17.21 27.28
C ILE A 187 -1.76 15.84 26.76
N ASN A 188 -0.83 14.99 26.30
CA ASN A 188 -1.15 13.68 25.79
C ASN A 188 0.10 12.89 25.51
N LYS A 189 -0.01 11.58 25.30
CA LYS A 189 1.19 10.80 25.03
C LYS A 189 0.82 9.62 24.20
N LEU A 190 1.62 9.26 23.23
CA LEU A 190 1.25 8.23 22.24
C LEU A 190 2.28 7.15 22.21
N LYS A 191 2.04 6.04 21.57
CA LYS A 191 2.99 4.98 21.59
C LYS A 191 2.70 4.07 20.41
N ASP A 192 3.06 2.82 20.54
CA ASP A 192 2.94 1.94 19.42
C ASP A 192 1.49 1.99 18.91
N HIS A 193 1.34 2.06 17.61
CA HIS A 193 0.04 2.07 16.95
C HIS A 193 -0.82 3.29 17.12
N ASP A 194 -0.31 4.39 17.61
CA ASP A 194 -1.02 5.63 17.62
C ASP A 194 -0.58 6.31 16.30
N TYR A 195 -1.07 7.51 16.02
CA TYR A 195 -0.84 8.14 14.76
C TYR A 195 -0.90 9.53 15.31
N PHE A 196 -0.28 10.48 14.60
CA PHE A 196 -0.49 11.89 14.95
C PHE A 196 -0.27 12.63 13.63
N GLY A 197 -0.60 13.91 13.66
CA GLY A 197 -0.31 14.82 12.61
C GLY A 197 -1.39 15.01 11.59
N GLU A 198 -2.63 14.52 11.89
CA GLU A 198 -3.76 14.63 10.97
C GLU A 198 -4.43 15.96 11.11
N VAL A 199 -4.32 16.67 12.22
CA VAL A 199 -5.17 17.87 12.37
C VAL A 199 -4.80 18.97 11.35
N ALA A 200 -3.49 19.18 11.14
CA ALA A 200 -3.02 20.17 10.17
C ALA A 200 -3.52 19.90 8.74
N LEU A 201 -3.33 18.68 8.30
CA LEU A 201 -3.74 18.14 7.04
C LEU A 201 -5.28 18.06 6.77
N LEU A 202 -6.08 17.62 7.75
CA LEU A 202 -7.55 17.60 7.64
C LEU A 202 -8.15 19.00 7.59
N ASN A 203 -7.57 19.93 8.30
CA ASN A 203 -8.20 21.26 8.42
C ASN A 203 -7.52 22.42 7.73
N ASP A 204 -6.39 22.15 7.04
CA ASP A 204 -5.41 23.17 6.61
C ASP A 204 -4.97 24.19 7.68
N LEU A 205 -4.44 23.66 8.76
CA LEU A 205 -4.12 24.54 9.83
C LEU A 205 -2.63 24.38 10.05
N PRO A 206 -2.04 25.32 10.78
CA PRO A 206 -0.69 24.93 11.31
C PRO A 206 -0.74 23.76 12.36
N ARG A 207 0.38 23.19 12.67
CA ARG A 207 0.40 22.17 13.68
C ARG A 207 -0.13 22.77 14.98
N GLN A 208 -1.04 22.05 15.63
CA GLN A 208 -1.65 22.49 16.89
C GLN A 208 -0.90 22.06 18.14
N ALA A 209 0.16 21.31 18.03
CA ALA A 209 0.90 20.97 19.21
C ALA A 209 2.31 20.54 18.82
N THR A 210 3.25 20.45 19.80
CA THR A 210 4.65 19.91 19.55
C THR A 210 4.62 18.42 19.90
N VAL A 211 5.35 17.56 19.19
CA VAL A 211 5.39 16.11 19.41
C VAL A 211 6.90 15.78 19.48
N THR A 212 7.35 15.10 20.56
CA THR A 212 8.77 14.92 20.93
C THR A 212 8.90 13.47 21.34
N ALA A 213 9.81 12.74 20.70
CA ALA A 213 10.14 11.37 21.08
C ALA A 213 10.67 11.31 22.55
N THR A 214 10.30 10.28 23.31
CA THR A 214 10.79 10.18 24.69
C THR A 214 11.41 8.79 24.77
N LYS A 215 11.34 8.06 23.66
CA LYS A 215 12.11 6.84 23.52
C LYS A 215 12.47 6.76 22.07
N ARG A 216 13.28 5.76 21.74
CA ARG A 216 13.64 5.56 20.33
C ARG A 216 12.28 5.29 19.67
N THR A 217 11.98 6.00 18.59
CA THR A 217 10.64 5.89 17.95
C THR A 217 10.77 5.79 16.45
N LYS A 218 10.31 4.68 15.91
CA LYS A 218 10.17 4.47 14.47
C LYS A 218 8.71 4.84 14.01
N VAL A 219 8.63 5.71 13.02
CA VAL A 219 7.36 6.06 12.46
C VAL A 219 7.39 5.67 11.02
N ALA A 220 6.22 5.31 10.46
CA ALA A 220 5.97 5.55 9.03
C ALA A 220 5.25 6.91 8.78
N THR A 221 5.62 7.58 7.67
CA THR A 221 5.19 8.97 7.36
C THR A 221 4.57 8.97 5.95
N LEU A 222 3.52 9.78 5.76
CA LEU A 222 2.70 9.72 4.60
C LEU A 222 2.53 11.17 4.27
N GLY A 223 2.84 11.61 3.03
CA GLY A 223 2.64 13.08 2.66
C GLY A 223 1.15 13.46 2.46
N LYS A 224 0.86 14.75 2.40
CA LYS A 224 -0.50 15.27 2.33
C LYS A 224 -1.24 14.73 1.13
N SER A 225 -0.67 14.72 -0.06
CA SER A 225 -1.41 14.17 -1.16
C SER A 225 -1.72 12.75 -0.91
N GLY A 226 -0.82 12.00 -0.31
CA GLY A 226 -1.16 10.57 -0.04
C GLY A 226 -2.23 10.47 1.08
N PHE A 227 -2.25 11.42 1.99
CA PHE A 227 -3.16 11.38 3.17
C PHE A 227 -4.60 11.60 2.68
N GLN A 228 -4.67 12.52 1.73
CA GLN A 228 -5.88 12.78 0.96
C GLN A 228 -6.36 11.63 0.09
N ARG A 229 -5.59 10.59 -0.19
CA ARG A 229 -6.17 9.58 -1.12
C ARG A 229 -6.02 8.18 -0.72
N LEU A 230 -5.04 7.92 0.09
CA LEU A 230 -4.75 6.52 0.46
C LEU A 230 -5.41 6.01 1.77
N LEU A 231 -6.18 6.86 2.45
CA LEU A 231 -6.74 6.50 3.81
C LEU A 231 -8.24 6.49 3.86
N GLY A 232 -8.89 6.23 2.71
CA GLY A 232 -10.32 6.48 2.49
C GLY A 232 -11.25 5.97 3.58
N PRO A 233 -11.23 4.70 3.85
CA PRO A 233 -11.91 4.11 5.03
C PRO A 233 -11.63 4.87 6.43
N ALA A 234 -10.35 4.90 6.79
CA ALA A 234 -9.82 5.45 8.02
C ALA A 234 -10.11 6.93 8.16
N VAL A 235 -10.37 7.65 7.08
CA VAL A 235 -10.49 9.11 7.20
C VAL A 235 -11.60 9.68 8.06
N ASP A 236 -12.76 9.04 8.05
CA ASP A 236 -13.90 9.37 8.92
C ASP A 236 -13.59 9.22 10.40
N VAL A 237 -12.83 8.19 10.77
CA VAL A 237 -12.33 8.08 12.16
C VAL A 237 -11.33 9.08 12.64
N LEU A 238 -10.43 9.52 11.73
CA LEU A 238 -9.64 10.60 11.94
C LEU A 238 -10.38 11.93 12.13
N LYS A 239 -11.43 12.22 11.38
CA LYS A 239 -12.25 13.45 11.60
C LYS A 239 -13.05 13.31 12.89
N LEU A 240 -13.46 12.08 13.21
CA LEU A 240 -14.29 11.90 14.38
C LEU A 240 -13.40 12.05 15.63
N ASN A 241 -12.11 11.60 15.57
CA ASN A 241 -11.18 11.72 16.69
C ASN A 241 -10.51 13.09 16.76
N ASP A 242 -10.90 14.06 15.91
CA ASP A 242 -10.02 15.21 15.65
C ASP A 242 -10.13 16.11 16.86
N PRO A 243 -8.97 16.35 17.55
CA PRO A 243 -9.01 17.14 18.79
C PRO A 243 -9.36 18.60 18.52
N THR A 244 -9.32 19.10 17.28
CA THR A 244 -9.96 20.44 17.07
C THR A 244 -11.52 20.46 17.34
N ARG A 245 -12.10 19.29 17.68
CA ARG A 245 -13.46 19.32 18.24
C ARG A 245 -13.70 18.81 19.70
N HIS A 246 -14.86 19.21 20.24
CA HIS A 246 -15.44 18.62 21.45
C HIS A 246 -16.24 17.38 21.05
P CMP B . -5.74 -10.20 -5.71
O1P CMP B . -4.66 -11.21 -5.56
O2P CMP B . -6.35 -9.75 -4.38
O5' CMP B . -6.88 -10.60 -6.81
C5' CMP B . -7.74 -9.64 -7.41
C4' CMP B . -6.80 -8.57 -7.96
O4' CMP B . -7.42 -7.41 -8.54
C3' CMP B . -6.03 -7.95 -6.82
O3' CMP B . -5.07 -8.92 -6.40
C2' CMP B . -5.48 -6.69 -7.43
O2' CMP B . -4.24 -7.07 -8.06
C1' CMP B . -6.58 -6.25 -8.39
N9 CMP B . -7.51 -5.12 -7.99
C8 CMP B . -7.82 -4.12 -8.81
N7 CMP B . -8.71 -3.22 -8.26
C5 CMP B . -9.02 -3.65 -7.04
C6 CMP B . -9.89 -3.16 -5.94
N6 CMP B . -10.60 -1.98 -6.12
N1 CMP B . -9.95 -3.93 -4.77
C2 CMP B . -9.21 -5.11 -4.64
N3 CMP B . -8.39 -5.60 -5.63
C4 CMP B . -8.26 -4.94 -6.85
P CMP C . -1.19 18.24 14.21
O1P CMP C . -1.02 18.17 12.71
O2P CMP C . -1.95 19.42 14.74
O5' CMP C . 0.23 18.20 14.89
C5' CMP C . 0.39 17.82 16.26
C4' CMP C . -0.50 16.63 16.54
O4' CMP C . -0.53 16.21 17.91
C3' CMP C . -2.00 16.82 16.14
O3' CMP C . -1.99 16.93 14.69
C2' CMP C . -2.54 15.50 16.71
O2' CMP C . -2.38 14.46 15.74
C1' CMP C . -1.62 15.24 17.93
N9 CMP C . -2.42 15.44 19.15
C8 CMP C . -2.81 14.47 20.03
N7 CMP C . -3.57 15.04 20.98
C5 CMP C . -3.70 16.35 20.72
C6 CMP C . -4.45 17.46 21.32
N6 CMP C . -5.13 17.21 22.53
N1 CMP C . -4.34 18.70 20.69
C2 CMP C . -3.61 18.90 19.62
N3 CMP C . -2.96 17.85 19.01
C4 CMP C . -2.95 16.61 19.48
#